data_8SJN
#
_entry.id   8SJN
#
_cell.length_a   163.006
_cell.length_b   163.006
_cell.length_c   106.056
_cell.angle_alpha   90.000
_cell.angle_beta   90.000
_cell.angle_gamma   120.000
#
_symmetry.space_group_name_H-M   'H 3'
#
loop_
_entity.id
_entity.type
_entity.pdbx_description
1 polymer "DNA (5'-D(*CP*AP*GP*CP*AP*TP*CP*GP*CP*CP*TP*GP*AP*CP*TP*AP*CP*A)-3')"
2 polymer "DNA (5'-D(P*CP*GP*TP*GP*GP*AP*CP*AP*GP*CP*GP*AP*G)-3')"
3 polymer "DNA (5'-D(*TP*GP*CP*TP*CP*GP*CP*TP*GP*TP*GP*GP*CP*GP*AP*TP*GP*C)-3')"
4 polymer "DNA (5'-D(P*TP*GP*TP*AP*GP*TP*CP*AP*CP*CP*AP*CP*G)-3')"
#
loop_
_entity_poly.entity_id
_entity_poly.type
_entity_poly.pdbx_seq_one_letter_code
_entity_poly.pdbx_strand_id
1 'polydeoxyribonucleotide' (DC)(DA)(DG)(DC)(DA)(DT)(DC)(DG)(DC)(DC)(DT)(DG)(DA)(DC)(DT)(DA)(DC)(DA) A
2 'polydeoxyribonucleotide' (DC)(DG)(DT)(DG)(DG)(DA)(DC)(DA)(DG)(DC)(DG)(DA)(DG) B
3 'polydeoxyribonucleotide' (DT)(DG)(DC)(DT)(DC)(DG)(DC)(DT)(DG)(DT)(DG)(DG)(DC)(DG)(DA)(DT)(DG)(DC) C
4 'polydeoxyribonucleotide' (DT)(DG)(DT)(DA)(DG)(DT)(DC)(DA)(DC)(DC)(DA)(DC)(DG) D
#